data_6IWY
#
_entry.id   6IWY
#
_cell.length_a   54.510
_cell.length_b   75.891
_cell.length_c   133.096
_cell.angle_alpha   90.00
_cell.angle_beta   90.00
_cell.angle_gamma   90.00
#
_symmetry.space_group_name_H-M   'P 2 2 21'
#
loop_
_entity.id
_entity.type
_entity.pdbx_description
1 polymer 'Flagellar hook-associated protein 2'
2 water water
#
_entity_poly.entity_id   1
_entity_poly.type   'polypeptide(L)'
_entity_poly.pdbx_seq_one_letter_code
;GSAKDPSRKSNVTGDALSASVGVGVPIQDIKVDVQNLAQGDINELGAKFSSRDDIFSQVDTTLKFYTQNKDYAVNIKAGM
TLGDVAQSITDATNGEVMGIVMKTGGNDPYQLMVNTKNTGEDNRVYFGSHLQSTLTNKNALSLGVDGSGKSEVSLNLKGA
DGNMHEVPIMLELPESASIKQKNTAIQKAMEQALENDPNFKNLIANGDISIDTLHGGESLIINDRRGGNIEVKGSKAKEL
GFLQTTTQESDLLKSSRTIKEGKLEGVVSLNGQKLDLSALTKESNTSEENTDAIIQAINAKEGLSAFKNAEGKLVINSKT
GMLTIKGEDALGKASLKDLGLNAGMVQSYEASQNTLFMSKNLQKASDSAFTYNGVSITRPTNEVNDVISGVNITLEQTTE
PNKPAIISVSRD
;
_entity_poly.pdbx_strand_id   A
#
# COMPACT_ATOMS: atom_id res chain seq x y z
N VAL A 12 -17.18 -34.88 -18.47
CA VAL A 12 -16.45 -33.65 -18.93
C VAL A 12 -15.43 -33.96 -20.04
N THR A 13 -15.43 -33.11 -21.07
CA THR A 13 -14.50 -33.26 -22.20
C THR A 13 -13.28 -32.36 -22.03
N GLY A 14 -12.16 -32.75 -22.64
CA GLY A 14 -10.92 -31.97 -22.53
C GLY A 14 -10.36 -31.98 -21.12
N ASP A 15 -9.68 -30.90 -20.72
CA ASP A 15 -9.00 -30.86 -19.42
C ASP A 15 -9.26 -29.55 -18.63
N ALA A 16 -10.27 -28.79 -19.02
CA ALA A 16 -10.44 -27.42 -18.53
C ALA A 16 -11.15 -27.33 -17.18
N LEU A 17 -11.97 -28.33 -16.84
CA LEU A 17 -12.66 -28.34 -15.57
C LEU A 17 -13.13 -29.73 -15.17
N SER A 18 -13.38 -29.89 -13.86
CA SER A 18 -13.91 -31.15 -13.30
C SER A 18 -15.20 -30.90 -12.50
N ALA A 19 -16.29 -31.55 -12.90
CA ALA A 19 -17.59 -31.37 -12.27
C ALA A 19 -18.04 -32.57 -11.43
N SER A 20 -18.77 -32.30 -10.35
CA SER A 20 -19.21 -33.34 -9.39
C SER A 20 -20.65 -33.71 -9.65
N ASP A 29 -26.23 -31.82 -20.49
CA ASP A 29 -25.44 -31.35 -21.63
C ASP A 29 -25.08 -29.83 -21.50
N ILE A 30 -23.94 -29.54 -20.87
CA ILE A 30 -23.59 -28.16 -20.44
C ILE A 30 -22.27 -27.69 -21.02
N LYS A 31 -22.28 -26.49 -21.61
CA LYS A 31 -21.18 -26.00 -22.46
C LYS A 31 -20.40 -24.85 -21.80
N VAL A 32 -19.10 -25.00 -21.60
CA VAL A 32 -18.34 -24.02 -20.80
C VAL A 32 -17.04 -23.54 -21.43
N ASP A 33 -17.11 -22.33 -21.98
CA ASP A 33 -15.96 -21.59 -22.48
C ASP A 33 -15.32 -20.98 -21.25
N VAL A 34 -14.04 -21.30 -21.01
CA VAL A 34 -13.31 -20.78 -19.86
C VAL A 34 -12.27 -19.76 -20.32
N GLN A 35 -12.56 -18.48 -20.14
CA GLN A 35 -11.68 -17.43 -20.66
C GLN A 35 -10.52 -17.13 -19.69
N ASN A 36 -10.80 -17.02 -18.40
CA ASN A 36 -9.76 -16.79 -17.39
C ASN A 36 -9.95 -17.66 -16.16
N LEU A 37 -8.87 -17.91 -15.44
CA LEU A 37 -8.91 -18.60 -14.16
C LEU A 37 -8.65 -17.59 -13.06
N ALA A 38 -9.26 -17.84 -11.91
CA ALA A 38 -9.03 -17.03 -10.73
C ALA A 38 -7.60 -17.25 -10.23
N GLN A 39 -6.98 -16.18 -9.74
CA GLN A 39 -5.56 -16.13 -9.38
C GLN A 39 -5.36 -15.37 -8.07
N GLY A 40 -4.40 -15.77 -7.26
CA GLY A 40 -3.90 -14.95 -6.17
C GLY A 40 -2.81 -14.02 -6.71
N ASP A 41 -2.30 -13.15 -5.83
CA ASP A 41 -1.30 -12.16 -6.18
C ASP A 41 0.10 -12.73 -5.90
N ILE A 42 1.09 -12.41 -6.70
CA ILE A 42 2.45 -12.86 -6.41
C ILE A 42 3.38 -11.71 -6.59
N ASN A 43 4.08 -11.32 -5.54
CA ASN A 43 4.96 -10.16 -5.58
C ASN A 43 6.31 -10.49 -5.03
N GLU A 44 7.31 -9.85 -5.60
CA GLU A 44 8.61 -9.87 -5.00
C GLU A 44 8.70 -8.62 -4.17
N LEU A 45 9.28 -8.71 -3.00
CA LEU A 45 9.51 -7.54 -2.18
C LEU A 45 10.93 -7.63 -1.60
N GLY A 46 11.74 -6.59 -1.77
CA GLY A 46 13.02 -6.52 -1.08
C GLY A 46 14.09 -7.01 -2.00
N ALA A 47 15.33 -6.99 -1.50
CA ALA A 47 16.51 -7.18 -2.34
C ALA A 47 16.86 -8.66 -2.38
N LYS A 48 17.96 -9.01 -3.03
CA LYS A 48 18.46 -10.37 -3.04
C LYS A 48 19.32 -10.62 -1.82
N PHE A 49 19.13 -11.78 -1.18
CA PHE A 49 20.00 -12.25 -0.07
C PHE A 49 20.75 -13.60 -0.32
N SER A 50 21.95 -13.69 0.26
CA SER A 50 22.76 -14.90 0.24
C SER A 50 22.21 -16.00 1.13
N SER A 51 21.38 -15.65 2.08
CA SER A 51 20.92 -16.62 3.05
C SER A 51 19.65 -16.08 3.68
N ARG A 52 18.74 -17.00 4.01
CA ARG A 52 17.58 -16.64 4.82
C ARG A 52 18.05 -15.99 6.12
N ASP A 53 19.20 -16.39 6.65
CA ASP A 53 19.69 -15.80 7.91
C ASP A 53 20.31 -14.39 7.83
N ASP A 54 20.57 -13.85 6.64
CA ASP A 54 21.15 -12.50 6.58
C ASP A 54 20.17 -11.43 7.08
N ILE A 55 20.74 -10.35 7.60
CA ILE A 55 19.99 -9.25 8.16
C ILE A 55 19.21 -8.56 7.05
N PHE A 56 17.89 -8.51 7.23
CA PHE A 56 17.01 -7.78 6.33
C PHE A 56 17.13 -6.27 6.51
N SER A 57 17.05 -5.79 7.75
CA SER A 57 17.11 -4.34 8.03
C SER A 57 17.83 -4.06 9.34
N GLN A 58 18.68 -3.04 9.34
CA GLN A 58 19.39 -2.61 10.54
C GLN A 58 18.66 -1.50 11.26
N VAL A 59 17.43 -1.22 10.86
CA VAL A 59 16.65 -0.13 11.46
C VAL A 59 15.24 -0.63 11.71
N ASP A 60 14.55 -0.07 12.69
CA ASP A 60 13.12 -0.32 12.85
C ASP A 60 12.34 0.42 11.77
N THR A 61 11.29 -0.23 11.28
CA THR A 61 10.47 0.35 10.26
C THR A 61 9.20 -0.46 10.08
N THR A 62 8.35 -0.04 9.15
CA THR A 62 7.01 -0.56 8.99
C THR A 62 6.81 -0.89 7.55
N LEU A 63 6.38 -2.10 7.23
CA LEU A 63 5.99 -2.40 5.87
C LEU A 63 4.51 -2.18 5.77
N LYS A 64 4.12 -1.27 4.88
CA LYS A 64 2.72 -0.89 4.67
C LYS A 64 2.20 -1.52 3.40
N PHE A 65 1.09 -2.23 3.46
CA PHE A 65 0.38 -2.58 2.23
C PHE A 65 -1.08 -2.76 2.51
N TYR A 66 -1.86 -2.87 1.44
CA TYR A 66 -3.33 -2.88 1.49
C TYR A 66 -3.90 -3.94 0.57
N THR A 67 -4.77 -4.78 1.12
CA THR A 67 -5.44 -5.81 0.37
C THR A 67 -6.65 -6.27 1.15
N GLN A 68 -7.57 -6.95 0.48
CA GLN A 68 -8.83 -7.38 1.10
C GLN A 68 -9.46 -6.25 1.90
N ASN A 69 -9.39 -5.05 1.36
CA ASN A 69 -9.93 -3.87 2.00
C ASN A 69 -9.37 -3.60 3.38
N LYS A 70 -8.14 -3.99 3.61
CA LYS A 70 -7.50 -3.76 4.91
C LYS A 70 -6.06 -3.21 4.78
N ASP A 71 -5.79 -2.16 5.52
CA ASP A 71 -4.45 -1.63 5.64
C ASP A 71 -3.73 -2.51 6.60
N TYR A 72 -2.54 -2.99 6.26
CA TYR A 72 -1.69 -3.64 7.25
C TYR A 72 -0.39 -2.86 7.40
N ALA A 73 0.11 -2.81 8.61
CA ALA A 73 1.41 -2.27 8.92
C ALA A 73 2.19 -3.37 9.70
N VAL A 74 3.13 -4.01 9.03
CA VAL A 74 4.00 -5.00 9.63
C VAL A 74 5.18 -4.26 10.24
N ASN A 75 5.43 -4.48 11.52
CA ASN A 75 6.55 -3.83 12.19
C ASN A 75 7.77 -4.64 11.89
N ILE A 76 8.88 -3.97 11.64
CA ILE A 76 10.13 -4.67 11.39
C ILE A 76 11.18 -4.11 12.34
N LYS A 77 11.93 -4.98 13.02
CA LYS A 77 12.85 -4.50 14.05
C LYS A 77 14.28 -4.47 13.51
N ALA A 78 15.10 -3.58 14.05
CA ALA A 78 16.52 -3.54 13.73
C ALA A 78 17.19 -4.91 13.91
N GLY A 79 17.88 -5.37 12.87
CA GLY A 79 18.62 -6.63 12.95
C GLY A 79 17.85 -7.90 12.57
N MET A 80 16.56 -7.78 12.30
CA MET A 80 15.75 -8.90 11.78
C MET A 80 16.37 -9.57 10.52
N THR A 81 16.27 -10.90 10.46
CA THR A 81 16.67 -11.66 9.27
C THR A 81 15.55 -11.75 8.24
N LEU A 82 15.93 -11.96 6.98
CA LEU A 82 14.98 -12.22 5.88
C LEU A 82 13.95 -13.26 6.29
N GLY A 83 14.41 -14.33 6.93
CA GLY A 83 13.50 -15.35 7.44
C GLY A 83 12.52 -14.76 8.45
N ASP A 84 13.04 -14.00 9.41
CA ASP A 84 12.18 -13.28 10.35
C ASP A 84 11.11 -12.46 9.62
N VAL A 85 11.50 -11.62 8.66
CA VAL A 85 10.51 -10.74 8.02
C VAL A 85 9.45 -11.53 7.27
N ALA A 86 9.85 -12.63 6.66
CA ALA A 86 8.91 -13.46 5.91
C ALA A 86 7.81 -13.91 6.85
N GLN A 87 8.20 -14.40 8.02
CA GLN A 87 7.25 -14.95 8.97
C GLN A 87 6.37 -13.85 9.59
N SER A 88 7.00 -12.69 9.77
CA SER A 88 6.32 -11.63 10.43
C SER A 88 5.21 -11.11 9.50
N ILE A 89 5.40 -11.18 8.17
CA ILE A 89 4.33 -10.81 7.21
C ILE A 89 3.16 -11.75 7.37
N THR A 90 3.46 -13.04 7.38
CA THR A 90 2.46 -14.08 7.65
C THR A 90 1.71 -13.90 9.00
N ASP A 91 2.47 -13.57 10.05
CA ASP A 91 1.88 -13.36 11.39
C ASP A 91 1.05 -12.05 11.50
N ALA A 92 1.52 -10.97 10.89
CA ALA A 92 0.72 -9.74 10.87
C ALA A 92 -0.67 -9.96 10.27
N THR A 93 -0.73 -10.75 9.19
CA THR A 93 -1.94 -10.91 8.38
C THR A 93 -2.78 -12.13 8.73
N ASN A 94 -2.37 -12.92 9.72
CA ASN A 94 -3.06 -14.19 10.06
C ASN A 94 -3.04 -15.20 8.90
N GLY A 95 -1.99 -15.16 8.10
CA GLY A 95 -1.90 -16.11 7.01
C GLY A 95 -2.68 -15.74 5.75
N GLU A 96 -3.22 -14.53 5.67
CA GLU A 96 -3.99 -14.10 4.51
C GLU A 96 -3.05 -13.63 3.40
N VAL A 97 -1.94 -13.07 3.84
CA VAL A 97 -0.85 -12.73 2.95
C VAL A 97 0.32 -13.49 3.46
N MET A 98 0.95 -14.25 2.58
CA MET A 98 1.99 -15.16 2.97
C MET A 98 3.29 -14.51 2.55
N GLY A 99 4.15 -14.33 3.53
CA GLY A 99 5.56 -13.97 3.31
C GLY A 99 6.39 -15.23 3.19
N ILE A 100 6.86 -15.48 1.97
CA ILE A 100 7.48 -16.73 1.55
C ILE A 100 8.81 -16.39 0.89
N VAL A 101 9.81 -17.25 1.08
CA VAL A 101 11.15 -17.11 0.52
C VAL A 101 11.35 -18.13 -0.60
N MET A 102 11.79 -17.66 -1.76
CA MET A 102 11.87 -18.48 -2.96
C MET A 102 13.26 -18.29 -3.50
N LYS A 103 13.92 -19.39 -3.85
CA LYS A 103 15.15 -19.31 -4.61
C LYS A 103 14.87 -18.76 -6.02
N THR A 104 15.71 -17.84 -6.47
CA THR A 104 15.69 -17.42 -7.86
C THR A 104 17.11 -17.42 -8.42
N GLY A 105 17.42 -16.41 -9.22
CA GLY A 105 18.61 -16.47 -10.02
C GLY A 105 19.69 -15.58 -9.51
N GLY A 106 20.91 -15.96 -9.79
CA GLY A 106 22.02 -15.10 -9.51
C GLY A 106 22.68 -15.49 -8.23
N ASN A 107 23.62 -14.64 -7.83
CA ASN A 107 24.58 -14.99 -6.83
C ASN A 107 23.97 -15.06 -5.44
N ASP A 108 23.08 -14.09 -5.16
CA ASP A 108 22.20 -14.09 -4.01
C ASP A 108 20.84 -14.66 -4.42
N PRO A 109 20.58 -15.93 -4.13
CA PRO A 109 19.36 -16.52 -4.69
C PRO A 109 18.08 -16.15 -4.00
N TYR A 110 18.14 -15.77 -2.74
CA TYR A 110 16.94 -15.67 -1.91
C TYR A 110 16.23 -14.33 -2.01
N GLN A 111 14.94 -14.41 -2.33
CA GLN A 111 14.14 -13.23 -2.61
C GLN A 111 12.85 -13.36 -1.86
N LEU A 112 12.41 -12.28 -1.22
CA LEU A 112 11.22 -12.35 -0.41
C LEU A 112 10.03 -12.24 -1.34
N MET A 113 9.09 -13.17 -1.19
CA MET A 113 7.84 -13.11 -1.96
C MET A 113 6.75 -12.82 -0.99
N VAL A 114 5.72 -12.11 -1.46
CA VAL A 114 4.53 -11.76 -0.69
C VAL A 114 3.39 -12.18 -1.58
N ASN A 115 2.75 -13.29 -1.24
CA ASN A 115 1.70 -13.88 -2.06
C ASN A 115 0.41 -14.00 -1.29
N THR A 116 -0.74 -13.75 -1.94
CA THR A 116 -2.03 -13.92 -1.26
C THR A 116 -2.48 -15.36 -1.09
N LYS A 117 -3.23 -15.60 -0.02
CA LYS A 117 -3.84 -16.91 0.24
C LYS A 117 -5.03 -17.17 -0.68
N ASN A 118 -5.66 -16.10 -1.12
CA ASN A 118 -6.90 -16.15 -1.86
C ASN A 118 -6.80 -15.62 -3.26
N THR A 119 -7.73 -16.07 -4.08
CA THR A 119 -7.79 -15.65 -5.47
C THR A 119 -8.75 -14.49 -5.64
N GLY A 120 -8.92 -14.04 -6.87
CA GLY A 120 -9.87 -12.97 -7.18
C GLY A 120 -9.30 -11.56 -7.09
N GLU A 121 -9.84 -10.69 -7.93
CA GLU A 121 -9.47 -9.28 -8.01
C GLU A 121 -9.30 -8.51 -6.70
N ASP A 122 -10.20 -8.70 -5.73
CA ASP A 122 -10.10 -8.01 -4.44
C ASP A 122 -8.81 -8.32 -3.66
N ASN A 123 -7.95 -9.20 -4.17
CA ASN A 123 -6.74 -9.54 -3.42
C ASN A 123 -5.47 -9.02 -4.02
N ARG A 124 -5.55 -7.97 -4.81
CA ARG A 124 -4.32 -7.38 -5.31
C ARG A 124 -3.67 -6.79 -4.08
N VAL A 125 -2.33 -6.80 -4.02
CA VAL A 125 -1.63 -6.15 -2.91
C VAL A 125 -1.08 -4.79 -3.36
N TYR A 126 -1.49 -3.72 -2.72
CA TYR A 126 -1.04 -2.41 -3.09
C TYR A 126 -0.12 -1.96 -2.00
N PHE A 127 1.17 -1.80 -2.31
CA PHE A 127 2.14 -1.38 -1.31
C PHE A 127 2.08 0.13 -1.21
N GLY A 128 2.36 0.64 -0.01
CA GLY A 128 2.45 2.08 0.21
C GLY A 128 1.08 2.68 0.48
N SER A 129 0.79 3.80 -0.16
CA SER A 129 -0.46 4.50 0.01
C SER A 129 -1.41 4.42 -1.19
N HIS A 130 -2.68 4.67 -0.92
CA HIS A 130 -3.69 4.53 -1.95
C HIS A 130 -4.94 5.33 -1.59
N LEU A 131 -5.67 5.82 -2.61
CA LEU A 131 -7.01 6.33 -2.44
C LEU A 131 -7.92 5.57 -3.38
N GLN A 132 -9.15 5.32 -2.94
CA GLN A 132 -10.08 4.46 -3.66
C GLN A 132 -11.41 5.14 -3.88
N SER A 133 -11.95 4.97 -5.08
CA SER A 133 -13.19 5.58 -5.45
C SER A 133 -14.21 4.54 -5.77
N THR A 134 -15.47 4.98 -5.74
CA THR A 134 -16.64 4.17 -6.08
C THR A 134 -17.63 5.08 -6.85
N LEU A 135 -17.62 4.97 -8.18
CA LEU A 135 -18.65 5.58 -9.03
C LEU A 135 -19.97 4.82 -8.90
N THR A 136 -21.03 5.54 -8.57
CA THR A 136 -22.37 5.00 -8.55
C THR A 136 -23.29 5.65 -9.58
N ASN A 137 -22.79 6.56 -10.41
CA ASN A 137 -23.59 6.99 -11.57
C ASN A 137 -22.83 7.28 -12.86
N LYS A 138 -23.57 7.35 -13.95
CA LYS A 138 -23.04 7.48 -15.30
C LYS A 138 -23.26 8.88 -15.86
N ASN A 139 -23.61 9.81 -14.99
CA ASN A 139 -23.85 11.19 -15.40
C ASN A 139 -22.65 11.83 -16.08
N ALA A 140 -22.95 12.84 -16.89
CA ALA A 140 -21.92 13.62 -17.59
C ALA A 140 -21.19 14.42 -16.53
N LEU A 141 -19.88 14.58 -16.74
CA LEU A 141 -19.13 15.57 -16.00
C LEU A 141 -18.17 16.39 -16.88
N SER A 142 -18.12 17.67 -16.56
CA SER A 142 -17.10 18.54 -17.09
C SER A 142 -16.14 18.84 -15.94
N LEU A 143 -14.87 18.49 -16.13
CA LEU A 143 -13.85 18.82 -15.14
C LEU A 143 -12.99 19.99 -15.60
N GLY A 144 -13.33 21.18 -15.14
CA GLY A 144 -12.55 22.34 -15.49
C GLY A 144 -12.03 23.13 -14.31
N VAL A 145 -12.30 24.42 -14.33
CA VAL A 145 -11.75 25.37 -13.39
C VAL A 145 -12.94 26.17 -12.88
N ASP A 146 -12.95 26.37 -11.58
CA ASP A 146 -14.07 26.97 -10.84
C ASP A 146 -13.94 28.48 -11.00
N GLY A 147 -14.97 29.23 -10.59
CA GLY A 147 -14.96 30.71 -10.71
C GLY A 147 -13.90 31.44 -9.88
N SER A 148 -13.20 30.68 -9.01
CA SER A 148 -12.09 31.16 -8.21
C SER A 148 -10.73 30.81 -8.87
N GLY A 149 -10.75 30.28 -10.09
CA GLY A 149 -9.52 29.90 -10.78
C GLY A 149 -8.87 28.61 -10.33
N LYS A 150 -9.59 27.81 -9.53
CA LYS A 150 -9.02 26.54 -9.01
C LYS A 150 -9.58 25.34 -9.74
N SER A 151 -8.72 24.33 -9.96
CA SER A 151 -9.15 23.08 -10.56
C SER A 151 -10.36 22.53 -9.83
N GLU A 152 -11.36 22.09 -10.57
CA GLU A 152 -12.51 21.44 -9.95
C GLU A 152 -12.12 20.06 -9.39
N VAL A 153 -11.10 19.43 -9.95
CA VAL A 153 -10.50 18.22 -9.42
C VAL A 153 -9.01 18.32 -9.68
N SER A 154 -8.20 18.08 -8.65
CA SER A 154 -6.75 17.94 -8.84
C SER A 154 -6.18 16.87 -7.92
N LEU A 155 -5.13 16.22 -8.40
CA LEU A 155 -4.44 15.15 -7.71
C LEU A 155 -3.20 15.72 -7.07
N ASN A 156 -3.08 15.58 -5.76
CA ASN A 156 -1.89 15.98 -5.02
C ASN A 156 -1.08 14.75 -4.64
N LEU A 157 0.10 14.62 -5.26
CA LEU A 157 1.00 13.50 -5.07
C LEU A 157 2.37 14.04 -4.80
N LYS A 158 3.21 13.18 -4.22
CA LYS A 158 4.62 13.47 -4.00
C LYS A 158 5.39 13.25 -5.30
N GLY A 159 6.17 14.24 -5.70
CA GLY A 159 6.90 14.17 -6.97
C GLY A 159 8.31 13.59 -6.89
N ALA A 160 8.90 13.44 -8.07
CA ALA A 160 10.27 13.00 -8.22
C ALA A 160 11.27 13.80 -7.34
N ASP A 161 10.94 15.05 -7.02
CA ASP A 161 11.80 15.91 -6.21
C ASP A 161 11.54 15.84 -4.70
N GLY A 162 10.62 14.97 -4.27
CA GLY A 162 10.25 14.84 -2.85
C GLY A 162 9.24 15.86 -2.31
N ASN A 163 8.73 16.75 -3.17
CA ASN A 163 7.76 17.77 -2.76
C ASN A 163 6.38 17.40 -3.27
N MET A 164 5.33 17.74 -2.52
CA MET A 164 3.95 17.59 -3.02
C MET A 164 3.70 18.60 -4.17
N HIS A 165 3.02 18.12 -5.21
CA HIS A 165 2.61 18.97 -6.36
C HIS A 165 1.19 18.61 -6.78
N GLU A 166 0.56 19.57 -7.44
CA GLU A 166 -0.84 19.48 -7.78
C GLU A 166 -0.94 19.24 -9.29
N VAL A 167 -1.66 18.21 -9.68
CA VAL A 167 -1.86 17.91 -11.10
C VAL A 167 -3.35 18.14 -11.40
N PRO A 168 -3.65 19.21 -12.15
CA PRO A 168 -5.04 19.46 -12.51
C PRO A 168 -5.57 18.30 -13.28
N ILE A 169 -6.82 17.92 -13.12
CA ILE A 169 -7.41 16.91 -13.99
C ILE A 169 -8.58 17.51 -14.75
N MET A 170 -8.43 17.64 -16.06
CA MET A 170 -9.45 18.23 -16.94
C MET A 170 -10.09 17.18 -17.82
N LEU A 171 -11.40 17.31 -18.00
CA LEU A 171 -12.20 16.26 -18.62
C LEU A 171 -13.60 16.75 -18.93
N GLU A 172 -13.95 16.79 -20.21
CA GLU A 172 -15.30 17.16 -20.62
C GLU A 172 -15.90 15.89 -21.15
N LEU A 173 -16.80 15.28 -20.38
CA LEU A 173 -17.29 13.94 -20.70
C LEU A 173 -18.79 13.92 -20.69
N PRO A 174 -19.44 13.58 -21.83
CA PRO A 174 -20.89 13.47 -21.81
C PRO A 174 -21.34 12.25 -20.98
N GLU A 175 -22.64 12.10 -20.80
CA GLU A 175 -23.20 10.92 -20.11
C GLU A 175 -22.48 9.65 -20.59
N SER A 176 -22.12 8.79 -19.65
CA SER A 176 -21.41 7.59 -20.00
C SER A 176 -22.43 6.51 -20.29
N ALA A 177 -22.11 5.64 -21.24
CA ALA A 177 -22.95 4.50 -21.57
C ALA A 177 -22.99 3.48 -20.42
N SER A 178 -21.88 3.41 -19.69
CA SER A 178 -21.80 2.55 -18.52
C SER A 178 -20.86 3.18 -17.52
N ILE A 179 -20.93 2.71 -16.28
CA ILE A 179 -20.02 3.17 -15.24
C ILE A 179 -18.59 2.80 -15.61
N LYS A 180 -18.41 1.68 -16.32
CA LYS A 180 -17.06 1.21 -16.69
C LYS A 180 -16.33 2.18 -17.64
N GLN A 181 -17.00 2.57 -18.72
CA GLN A 181 -16.42 3.55 -19.67
C GLN A 181 -16.13 4.93 -19.07
N LYS A 182 -16.96 5.35 -18.12
CA LYS A 182 -16.72 6.58 -17.33
C LYS A 182 -15.40 6.48 -16.60
N ASN A 183 -15.23 5.40 -15.85
CA ASN A 183 -14.03 5.26 -15.02
C ASN A 183 -12.79 5.14 -15.89
N THR A 184 -12.87 4.34 -16.94
CA THR A 184 -11.75 4.25 -17.84
C THR A 184 -11.39 5.68 -18.28
N ALA A 185 -12.39 6.47 -18.65
CA ALA A 185 -12.12 7.83 -19.10
C ALA A 185 -11.36 8.63 -18.05
N ILE A 186 -11.82 8.56 -16.81
CA ILE A 186 -11.16 9.25 -15.72
C ILE A 186 -9.74 8.75 -15.58
N GLN A 187 -9.60 7.42 -15.53
CA GLN A 187 -8.29 6.79 -15.51
C GLN A 187 -7.35 7.36 -16.58
N LYS A 188 -7.86 7.46 -17.82
CA LYS A 188 -7.07 7.99 -18.92
C LYS A 188 -6.70 9.43 -18.58
N ALA A 189 -7.70 10.21 -18.17
CA ALA A 189 -7.47 11.62 -17.94
C ALA A 189 -6.34 11.74 -16.95
N MET A 190 -6.42 11.00 -15.83
CA MET A 190 -5.42 11.09 -14.72
C MET A 190 -4.06 10.60 -15.16
N GLU A 191 -4.07 9.51 -15.91
CA GLU A 191 -2.86 8.96 -16.45
C GLU A 191 -2.22 9.96 -17.43
N GLN A 192 -3.03 10.59 -18.28
CA GLN A 192 -2.49 11.55 -19.27
C GLN A 192 -1.89 12.74 -18.56
N ALA A 193 -2.52 13.20 -17.49
CA ALA A 193 -2.04 14.35 -16.77
C ALA A 193 -0.67 14.01 -16.17
N LEU A 194 -0.61 12.89 -15.46
CA LEU A 194 0.62 12.49 -14.83
C LEU A 194 1.74 12.27 -15.83
N GLU A 195 1.42 11.73 -17.00
CA GLU A 195 2.44 11.50 -18.02
C GLU A 195 2.90 12.81 -18.65
N ASN A 196 2.06 13.83 -18.59
CA ASN A 196 2.37 15.10 -19.20
C ASN A 196 3.06 16.09 -18.27
N ASP A 197 3.21 15.73 -17.00
CA ASP A 197 3.84 16.60 -15.99
C ASP A 197 5.29 16.13 -15.73
N PRO A 198 6.27 17.05 -15.73
CA PRO A 198 7.66 16.66 -15.52
C PRO A 198 7.91 16.01 -14.16
N ASN A 199 7.16 16.46 -13.15
CA ASN A 199 7.34 15.96 -11.79
C ASN A 199 6.79 14.53 -11.67
N PHE A 200 5.94 14.11 -12.62
CA PHE A 200 5.36 12.77 -12.55
C PHE A 200 5.67 11.79 -13.66
N LYS A 201 6.10 12.29 -14.82
CA LYS A 201 6.34 11.46 -16.02
C LYS A 201 7.01 10.13 -15.69
N ASN A 202 8.10 10.17 -14.92
CA ASN A 202 8.88 8.97 -14.69
C ASN A 202 8.34 8.13 -13.55
N LEU A 203 7.60 8.76 -12.64
CA LEU A 203 6.92 7.97 -11.60
C LEU A 203 5.81 7.11 -12.18
N ILE A 204 5.17 7.58 -13.24
CA ILE A 204 4.20 6.72 -13.92
C ILE A 204 4.88 5.69 -14.83
N ALA A 205 5.95 6.08 -15.50
CA ALA A 205 6.68 5.12 -16.33
C ALA A 205 7.29 3.95 -15.50
N ASN A 206 7.93 4.23 -14.37
CA ASN A 206 8.60 3.16 -13.60
C ASN A 206 7.66 2.35 -12.70
N GLY A 207 6.38 2.70 -12.71
CA GLY A 207 5.38 1.97 -11.94
C GLY A 207 5.17 2.38 -10.50
N ASP A 208 5.85 3.43 -10.03
CA ASP A 208 5.68 3.87 -8.66
C ASP A 208 4.25 4.42 -8.49
N ILE A 209 3.81 5.22 -9.44
CA ILE A 209 2.44 5.70 -9.39
C ILE A 209 1.62 4.99 -10.44
N SER A 210 0.51 4.43 -10.01
CA SER A 210 -0.44 3.88 -10.95
C SER A 210 -1.86 4.16 -10.50
N ILE A 211 -2.76 4.07 -11.47
CA ILE A 211 -4.18 4.21 -11.29
C ILE A 211 -4.86 3.03 -11.97
N ASP A 212 -5.28 2.05 -11.19
CA ASP A 212 -5.96 0.86 -11.69
C ASP A 212 -7.48 0.97 -11.57
N THR A 213 -8.20 0.23 -12.41
CA THR A 213 -9.62 0.02 -12.21
C THR A 213 -9.86 -1.32 -11.52
N LEU A 214 -10.94 -1.38 -10.77
CA LEU A 214 -11.22 -2.50 -9.89
C LEU A 214 -12.73 -2.68 -9.70
N HIS A 215 -13.14 -3.75 -9.04
CA HIS A 215 -14.57 -4.10 -8.88
C HIS A 215 -15.31 -4.02 -10.21
N GLY A 216 -14.75 -4.66 -11.22
CA GLY A 216 -15.37 -4.77 -12.53
C GLY A 216 -15.61 -3.47 -13.25
N GLY A 217 -14.82 -2.43 -12.93
CA GLY A 217 -15.04 -1.12 -13.52
C GLY A 217 -15.55 -0.08 -12.54
N GLU A 218 -16.24 -0.52 -11.48
CA GLU A 218 -16.89 0.41 -10.55
C GLU A 218 -15.93 1.31 -9.76
N SER A 219 -14.64 0.99 -9.74
CA SER A 219 -13.75 1.65 -8.80
C SER A 219 -12.40 1.90 -9.41
N LEU A 220 -11.82 3.01 -8.99
CA LEU A 220 -10.51 3.41 -9.35
C LEU A 220 -9.70 3.35 -8.09
N ILE A 221 -8.42 3.07 -8.21
CA ILE A 221 -7.53 3.12 -7.07
C ILE A 221 -6.22 3.78 -7.49
N ILE A 222 -5.87 4.88 -6.86
CA ILE A 222 -4.55 5.51 -7.07
C ILE A 222 -3.64 4.84 -6.04
N ASN A 223 -2.49 4.34 -6.46
CA ASN A 223 -1.52 3.74 -5.54
C ASN A 223 -0.19 4.36 -5.80
N ASP A 224 0.50 4.69 -4.71
CA ASP A 224 1.88 5.16 -4.73
C ASP A 224 2.73 4.19 -3.88
N ARG A 225 3.59 3.41 -4.52
CA ARG A 225 4.39 2.46 -3.82
C ARG A 225 5.40 3.11 -2.93
N ARG A 226 5.81 4.35 -3.21
CA ARG A 226 6.75 5.01 -2.28
C ARG A 226 6.09 5.45 -0.97
N GLY A 227 4.76 5.44 -0.94
CA GLY A 227 4.03 5.74 0.27
C GLY A 227 3.70 7.20 0.52
N GLY A 228 3.97 8.09 -0.41
CA GLY A 228 3.72 9.51 -0.17
C GLY A 228 2.23 9.85 -0.03
N ASN A 229 1.95 10.97 0.63
CA ASN A 229 0.62 11.53 0.67
C ASN A 229 -0.03 11.55 -0.68
N ILE A 230 -1.30 11.17 -0.72
CA ILE A 230 -2.17 11.34 -1.86
C ILE A 230 -3.44 12.13 -1.44
N GLU A 231 -3.82 13.13 -2.25
CA GLU A 231 -5.03 13.91 -2.06
C GLU A 231 -5.75 14.13 -3.38
N VAL A 232 -7.07 14.03 -3.34
CA VAL A 232 -7.92 14.39 -4.46
C VAL A 232 -8.69 15.60 -4.00
N LYS A 233 -8.37 16.75 -4.57
CA LYS A 233 -8.90 18.02 -4.14
C LYS A 233 -9.74 18.66 -5.22
N GLY A 234 -10.56 19.61 -4.81
CA GLY A 234 -11.40 20.32 -5.73
C GLY A 234 -12.88 20.25 -5.38
N SER A 235 -13.60 21.24 -5.89
CA SER A 235 -15.02 21.35 -5.72
C SER A 235 -15.75 20.13 -6.25
N LYS A 236 -15.17 19.43 -7.22
CA LYS A 236 -15.80 18.21 -7.73
C LYS A 236 -15.17 16.85 -7.36
N ALA A 237 -14.30 16.77 -6.35
CA ALA A 237 -13.84 15.43 -5.92
C ALA A 237 -15.00 14.46 -5.70
N LYS A 238 -16.05 14.91 -5.01
CA LYS A 238 -17.18 14.03 -4.66
C LYS A 238 -17.79 13.36 -5.91
N GLU A 239 -17.76 14.06 -7.04
CA GLU A 239 -18.39 13.56 -8.25
C GLU A 239 -17.72 12.32 -8.79
N LEU A 240 -16.46 12.13 -8.44
CA LEU A 240 -15.73 10.93 -8.87
C LEU A 240 -15.95 9.81 -7.91
N GLY A 241 -16.37 10.14 -6.70
CA GLY A 241 -16.69 9.11 -5.73
C GLY A 241 -15.62 8.72 -4.75
N PHE A 242 -14.68 9.61 -4.45
CA PHE A 242 -13.75 9.40 -3.35
C PHE A 242 -14.39 9.69 -2.00
N LEU A 243 -14.86 8.66 -1.29
CA LEU A 243 -15.40 8.84 0.08
C LEU A 243 -14.40 9.65 0.89
N GLN A 244 -13.16 9.14 0.83
CA GLN A 244 -12.01 9.72 1.49
C GLN A 244 -11.23 10.43 0.42
N THR A 245 -10.83 11.68 0.67
CA THR A 245 -10.07 12.43 -0.31
C THR A 245 -8.58 12.62 0.00
N THR A 246 -8.13 12.14 1.15
CA THR A 246 -6.71 12.17 1.52
C THR A 246 -6.29 10.92 2.26
N THR A 247 -5.05 10.51 2.06
CA THR A 247 -4.50 9.35 2.74
C THR A 247 -3.97 9.79 4.08
N GLN A 248 -4.06 8.87 5.05
CA GLN A 248 -3.64 9.09 6.45
C GLN A 248 -2.12 8.98 6.57
N GLU A 249 -1.48 10.14 6.75
CA GLU A 249 -0.08 10.17 7.12
C GLU A 249 0.02 9.40 8.42
N SER A 250 0.69 8.26 8.37
CA SER A 250 0.82 7.44 9.57
C SER A 250 2.06 7.84 10.36
N ASP A 251 1.92 7.87 11.68
CA ASP A 251 2.91 8.43 12.58
C ASP A 251 4.13 7.51 12.76
N LEU A 252 5.31 8.11 12.91
CA LEU A 252 6.60 7.40 12.86
C LEU A 252 6.94 6.50 14.05
N LEU A 253 6.75 7.01 15.26
CA LEU A 253 7.15 6.32 16.45
C LEU A 253 6.08 6.51 17.47
N LYS A 254 5.71 5.43 18.13
CA LYS A 254 4.71 5.48 19.19
C LYS A 254 5.28 4.65 20.30
N SER A 255 5.35 5.18 21.50
CA SER A 255 5.84 4.40 22.65
C SER A 255 5.13 3.07 22.79
N SER A 256 5.83 2.09 23.33
CA SER A 256 5.21 0.79 23.66
C SER A 256 4.27 0.87 24.85
N ARG A 257 4.52 1.84 25.71
CA ARG A 257 3.87 1.95 26.99
C ARG A 257 3.61 3.42 27.26
N THR A 258 2.62 3.72 28.09
CA THR A 258 2.40 5.07 28.60
C THR A 258 3.67 5.49 29.28
N ILE A 259 3.99 6.77 29.34
CA ILE A 259 5.27 7.19 29.92
C ILE A 259 5.12 6.91 31.38
N LYS A 260 6.20 6.54 32.05
CA LYS A 260 6.04 6.11 33.44
C LYS A 260 5.71 7.33 34.32
N GLU A 261 4.87 7.08 35.33
CA GLU A 261 4.50 8.09 36.32
C GLU A 261 5.62 8.31 37.34
N GLY A 262 5.87 9.58 37.69
CA GLY A 262 6.84 9.94 38.75
C GLY A 262 8.18 10.39 38.22
N LYS A 263 9.19 10.49 39.09
CA LYS A 263 10.49 11.03 38.67
C LYS A 263 11.21 10.10 37.70
N LEU A 264 11.38 10.59 36.47
CA LEU A 264 12.30 9.98 35.52
C LEU A 264 13.53 10.88 35.43
N GLU A 265 14.67 10.27 35.17
CA GLU A 265 15.98 10.90 35.30
C GLU A 265 16.89 10.58 34.13
N GLY A 266 17.84 11.48 33.86
CA GLY A 266 18.80 11.29 32.78
C GLY A 266 18.51 12.15 31.56
N VAL A 267 19.43 12.07 30.59
CA VAL A 267 19.39 12.82 29.37
C VAL A 267 19.37 11.84 28.22
N VAL A 268 18.47 12.10 27.27
CA VAL A 268 18.28 11.25 26.11
C VAL A 268 18.30 12.13 24.87
N SER A 269 18.52 11.52 23.71
CA SER A 269 18.63 12.25 22.44
C SER A 269 17.68 11.70 21.42
N LEU A 270 17.07 12.61 20.64
CA LEU A 270 16.30 12.31 19.44
C LEU A 270 16.97 13.04 18.28
N ASN A 271 17.53 12.30 17.35
CA ASN A 271 18.42 12.93 16.35
C ASN A 271 19.31 14.01 17.00
N GLY A 272 20.03 13.63 18.05
CA GLY A 272 20.99 14.53 18.69
C GLY A 272 20.46 15.45 19.77
N GLN A 273 19.14 15.63 19.83
CA GLN A 273 18.56 16.76 20.55
C GLN A 273 18.21 16.38 22.00
N LYS A 274 18.88 16.99 22.96
CA LYS A 274 18.92 16.44 24.31
C LYS A 274 17.65 16.79 25.13
N LEU A 275 17.15 15.80 25.89
CA LEU A 275 16.19 16.02 26.99
C LEU A 275 16.76 15.50 28.33
N ASN A 290 1.78 14.14 32.50
CA ASN A 290 3.03 14.81 32.12
C ASN A 290 4.09 13.95 31.30
N THR A 291 3.56 13.20 30.33
CA THR A 291 4.21 13.01 29.08
C THR A 291 4.02 14.36 28.30
N ASP A 292 3.24 15.30 28.88
CA ASP A 292 3.09 16.67 28.36
C ASP A 292 4.39 17.48 28.40
N ALA A 293 5.13 17.39 29.49
CA ALA A 293 6.37 18.14 29.59
C ALA A 293 7.33 17.76 28.46
N ILE A 294 7.46 16.46 28.23
CA ILE A 294 8.36 15.90 27.22
C ILE A 294 7.87 16.32 25.84
N ILE A 295 6.56 16.40 25.66
CA ILE A 295 6.02 16.76 24.38
C ILE A 295 6.49 18.18 24.02
N GLN A 296 6.30 19.11 24.97
CA GLN A 296 6.66 20.52 24.74
C GLN A 296 8.16 20.62 24.49
N ALA A 297 8.91 19.76 25.16
CA ALA A 297 10.36 19.75 25.00
C ALA A 297 10.68 19.36 23.57
N ILE A 298 9.98 18.35 23.07
CA ILE A 298 10.29 17.81 21.75
C ILE A 298 9.89 18.78 20.65
N ASN A 299 8.79 19.50 20.83
CA ASN A 299 8.29 20.33 19.76
C ASN A 299 9.17 21.55 19.54
N ALA A 300 9.97 21.91 20.55
CA ALA A 300 10.89 23.03 20.46
C ALA A 300 12.16 22.69 19.69
N LYS A 301 12.22 21.53 19.04
CA LYS A 301 13.40 21.10 18.31
C LYS A 301 13.08 21.04 16.81
N GLU A 302 14.01 21.49 15.98
CA GLU A 302 13.79 21.63 14.54
C GLU A 302 13.55 20.28 13.90
N GLY A 303 12.45 20.13 13.17
CA GLY A 303 12.11 18.88 12.52
C GLY A 303 11.83 17.72 13.47
N LEU A 304 11.17 17.97 14.58
CA LEU A 304 10.68 16.85 15.35
C LEU A 304 9.35 17.29 15.88
N SER A 305 8.45 16.37 16.10
CA SER A 305 7.15 16.81 16.60
C SER A 305 6.67 15.66 17.40
N ALA A 306 5.87 15.95 18.39
CA ALA A 306 5.31 14.93 19.25
C ALA A 306 3.94 15.36 19.74
N PHE A 307 3.13 14.36 20.10
CA PHE A 307 1.81 14.61 20.65
C PHE A 307 1.37 13.42 21.51
N LYS A 308 0.24 13.58 22.18
CA LYS A 308 -0.32 12.60 23.09
C LYS A 308 -1.60 12.01 22.50
N ASN A 309 -1.51 10.70 22.30
CA ASN A 309 -2.51 9.80 21.74
C ASN A 309 -3.79 9.68 22.56
N ALA A 310 -4.85 9.17 21.92
CA ALA A 310 -6.09 8.88 22.65
C ALA A 310 -5.90 7.79 23.72
N GLU A 311 -4.87 6.97 23.59
CA GLU A 311 -4.44 6.03 24.62
C GLU A 311 -3.44 6.63 25.64
N GLY A 312 -3.11 7.91 25.51
CA GLY A 312 -2.14 8.57 26.40
C GLY A 312 -0.68 8.33 26.05
N LYS A 313 -0.40 7.81 24.87
CA LYS A 313 0.98 7.47 24.49
C LYS A 313 1.72 8.57 23.70
N LEU A 314 3.02 8.69 23.97
CA LEU A 314 3.89 9.60 23.24
C LEU A 314 3.99 9.14 21.79
N VAL A 315 3.66 10.03 20.85
CA VAL A 315 3.91 9.78 19.45
C VAL A 315 4.89 10.82 18.98
N ILE A 316 6.02 10.40 18.44
CA ILE A 316 7.01 11.30 17.89
C ILE A 316 7.07 11.18 16.37
N ASN A 317 7.16 12.31 15.70
CA ASN A 317 7.43 12.40 14.28
C ASN A 317 8.73 13.16 13.96
N SER A 318 9.29 12.87 12.79
CA SER A 318 10.43 13.59 12.29
C SER A 318 10.22 14.02 10.82
N LYS A 319 10.67 15.21 10.45
CA LYS A 319 10.60 15.67 9.07
C LYS A 319 11.29 14.73 8.09
N THR A 320 12.37 14.11 8.56
CA THR A 320 13.20 13.29 7.70
C THR A 320 12.66 11.89 7.57
N GLY A 321 11.65 11.57 8.37
CA GLY A 321 11.14 10.20 8.47
C GLY A 321 12.04 9.28 9.25
N MET A 322 13.12 9.84 9.83
CA MET A 322 14.14 9.07 10.51
C MET A 322 14.26 9.57 11.97
N LEU A 323 14.37 8.63 12.91
CA LEU A 323 14.74 8.95 14.30
C LEU A 323 15.84 8.04 14.79
N THR A 324 16.78 8.63 15.51
CA THR A 324 17.76 7.88 16.24
C THR A 324 17.57 8.26 17.70
N ILE A 325 17.21 7.27 18.51
CA ILE A 325 17.06 7.43 19.93
C ILE A 325 18.36 6.96 20.59
N LYS A 326 18.84 7.75 21.55
CA LYS A 326 19.97 7.36 22.38
C LYS A 326 19.88 8.01 23.75
N GLY A 327 20.57 7.37 24.68
CA GLY A 327 20.64 7.88 26.04
C GLY A 327 21.95 8.61 26.11
N GLU A 328 21.98 9.76 26.78
CA GLU A 328 23.21 10.55 26.88
C GLU A 328 24.04 10.32 28.18
N ASP A 329 23.61 9.41 29.05
CA ASP A 329 24.32 9.08 30.27
C ASP A 329 23.65 7.92 30.93
N ALA A 330 24.40 7.18 31.74
CA ALA A 330 23.89 5.91 32.20
C ALA A 330 22.39 6.01 32.53
N LEU A 331 22.01 6.99 33.34
CA LEU A 331 20.62 7.06 33.76
C LEU A 331 19.68 7.15 32.55
N GLY A 332 20.02 8.01 31.57
CA GLY A 332 19.28 8.08 30.30
C GLY A 332 19.22 6.75 29.55
N LYS A 333 20.36 6.09 29.41
CA LYS A 333 20.39 4.75 28.83
C LYS A 333 19.37 3.79 29.48
N ALA A 334 19.21 3.91 30.80
CA ALA A 334 18.34 3.03 31.59
C ALA A 334 16.88 3.56 31.65
N SER A 335 16.66 4.78 31.21
CA SER A 335 15.34 5.40 31.27
C SER A 335 14.50 5.34 29.98
N LEU A 336 15.15 5.01 28.88
CA LEU A 336 14.44 4.84 27.63
C LEU A 336 13.32 3.81 27.73
N LYS A 337 13.49 2.75 28.52
CA LYS A 337 12.42 1.76 28.64
C LYS A 337 11.20 2.34 29.38
N ASP A 338 11.43 3.29 30.29
CA ASP A 338 10.35 3.96 30.99
C ASP A 338 9.60 4.94 30.08
N LEU A 339 10.20 5.31 28.94
CA LEU A 339 9.45 6.06 27.96
C LEU A 339 8.94 5.12 26.89
N GLY A 340 9.04 3.83 27.15
CA GLY A 340 8.61 2.82 26.17
C GLY A 340 9.37 2.92 24.86
N LEU A 341 10.65 3.32 24.95
CA LEU A 341 11.53 3.46 23.80
C LEU A 341 12.78 2.55 23.93
N ASN A 342 13.35 2.23 22.77
CA ASN A 342 14.61 1.53 22.61
C ASN A 342 15.63 2.43 22.01
N ALA A 343 16.83 2.42 22.54
CA ALA A 343 17.99 2.96 21.82
C ALA A 343 18.01 2.32 20.43
N GLY A 344 18.08 3.12 19.39
CA GLY A 344 18.11 2.58 18.02
C GLY A 344 17.64 3.60 17.00
N MET A 345 17.57 3.17 15.74
CA MET A 345 17.11 4.02 14.65
C MET A 345 15.77 3.50 14.22
N VAL A 346 14.79 4.38 14.01
CA VAL A 346 13.52 3.94 13.42
C VAL A 346 13.30 4.78 12.22
N GLN A 347 12.71 4.17 11.20
CA GLN A 347 12.42 4.85 9.95
C GLN A 347 10.98 4.68 9.52
N SER A 348 10.40 5.74 9.01
CA SER A 348 9.13 5.64 8.31
C SER A 348 9.26 4.65 7.15
N TYR A 349 8.17 3.99 6.82
CA TYR A 349 8.06 3.22 5.59
C TYR A 349 8.55 4.06 4.43
N GLU A 350 8.03 5.28 4.35
CA GLU A 350 8.37 6.21 3.29
C GLU A 350 9.87 6.44 3.30
N ALA A 351 10.45 6.70 4.45
CA ALA A 351 11.87 6.93 4.50
C ALA A 351 12.73 5.70 4.08
N SER A 352 12.20 4.47 4.22
CA SER A 352 12.92 3.22 4.02
C SER A 352 12.44 2.38 2.84
N GLN A 353 11.34 2.78 2.24
CA GLN A 353 10.89 2.11 1.03
C GLN A 353 11.96 1.89 -0.02
N ASN A 354 12.80 2.87 -0.28
CA ASN A 354 13.70 2.85 -1.46
C ASN A 354 14.82 1.81 -1.34
N THR A 355 15.20 1.48 -0.12
CA THR A 355 16.31 0.58 0.16
C THR A 355 15.76 -0.79 0.56
N LEU A 356 14.85 -0.81 1.52
CA LEU A 356 14.32 -2.07 2.04
C LEU A 356 13.20 -2.71 1.23
N PHE A 357 12.38 -1.92 0.53
CA PHE A 357 11.10 -2.44 0.04
C PHE A 357 10.74 -2.23 -1.42
N MET A 358 11.68 -2.33 -2.32
CA MET A 358 11.29 -2.41 -3.73
C MET A 358 10.26 -3.52 -3.88
N SER A 359 9.22 -3.26 -4.67
CA SER A 359 8.26 -4.29 -4.98
C SER A 359 8.10 -4.42 -6.49
N LYS A 360 7.89 -5.64 -6.94
CA LYS A 360 7.46 -5.92 -8.33
C LYS A 360 6.35 -6.97 -8.30
N ASN A 361 5.25 -6.73 -9.01
CA ASN A 361 4.21 -7.73 -9.17
C ASN A 361 4.58 -8.72 -10.26
N LEU A 362 4.50 -10.02 -9.96
CA LEU A 362 4.74 -11.09 -10.94
C LEU A 362 3.44 -11.66 -11.54
N GLN A 363 2.37 -11.60 -10.76
CA GLN A 363 1.07 -12.12 -11.16
C GLN A 363 -0.03 -11.36 -10.41
N LYS A 364 -1.02 -10.85 -11.14
CA LYS A 364 -2.09 -10.07 -10.52
C LYS A 364 -3.25 -10.94 -10.14
N ALA A 365 -3.63 -10.85 -8.87
CA ALA A 365 -4.91 -11.37 -8.38
C ALA A 365 -5.96 -10.98 -9.37
N SER A 366 -6.87 -11.91 -9.68
CA SER A 366 -7.91 -11.69 -10.70
C SER A 366 -9.04 -12.67 -10.53
N ASP A 367 -10.24 -12.26 -10.92
CA ASP A 367 -11.45 -13.08 -10.86
C ASP A 367 -11.36 -14.09 -12.02
N SER A 368 -12.03 -15.21 -11.90
CA SER A 368 -12.23 -16.14 -13.03
C SER A 368 -13.25 -15.58 -13.99
N ALA A 369 -13.15 -15.97 -15.25
CA ALA A 369 -14.08 -15.51 -16.27
C ALA A 369 -14.37 -16.66 -17.21
N PHE A 370 -15.67 -16.86 -17.47
CA PHE A 370 -16.16 -18.03 -18.22
C PHE A 370 -17.59 -17.77 -18.68
N THR A 371 -18.15 -18.73 -19.43
CA THR A 371 -19.49 -18.58 -20.00
C THR A 371 -20.20 -19.92 -20.21
N TYR A 372 -21.44 -20.02 -19.72
CA TYR A 372 -22.37 -21.08 -20.16
C TYR A 372 -22.87 -20.79 -21.58
N ILE A 377 -20.76 -14.44 -17.26
CA ILE A 377 -20.51 -14.91 -15.88
C ILE A 377 -19.03 -14.86 -15.43
N THR A 378 -18.77 -14.24 -14.26
CA THR A 378 -17.42 -14.15 -13.65
C THR A 378 -17.55 -14.41 -12.15
N ARG A 379 -16.45 -14.78 -11.49
CA ARG A 379 -16.43 -15.18 -10.06
C ARG A 379 -15.01 -15.07 -9.46
N PRO A 380 -14.90 -14.87 -8.14
CA PRO A 380 -13.63 -14.55 -7.50
C PRO A 380 -12.74 -15.76 -7.21
N THR A 381 -13.25 -16.95 -7.50
CA THR A 381 -12.49 -18.17 -7.33
C THR A 381 -12.81 -19.15 -8.44
N ASN A 382 -12.03 -20.24 -8.48
CA ASN A 382 -12.16 -21.27 -9.49
C ASN A 382 -13.22 -22.31 -9.11
N GLU A 383 -13.74 -22.16 -7.89
CA GLU A 383 -14.71 -23.08 -7.35
C GLU A 383 -16.07 -22.46 -7.66
N VAL A 384 -16.76 -22.98 -8.66
CA VAL A 384 -17.97 -22.32 -9.18
C VAL A 384 -19.21 -23.17 -9.00
N ASN A 385 -19.81 -23.08 -7.82
CA ASN A 385 -21.05 -23.76 -7.53
C ASN A 385 -22.17 -22.73 -7.39
N VAL A 391 -24.27 -29.95 -9.83
CA VAL A 391 -23.74 -28.84 -10.64
C VAL A 391 -22.45 -28.19 -10.09
N ASN A 392 -21.61 -28.94 -9.37
CA ASN A 392 -20.35 -28.40 -8.81
C ASN A 392 -19.22 -28.40 -9.83
N ILE A 393 -18.49 -27.28 -9.94
CA ILE A 393 -17.43 -27.14 -10.94
C ILE A 393 -16.20 -26.50 -10.36
N THR A 394 -15.03 -27.05 -10.65
CA THR A 394 -13.76 -26.37 -10.39
C THR A 394 -13.10 -26.04 -11.73
N LEU A 395 -12.73 -24.79 -11.95
CA LEU A 395 -12.07 -24.42 -13.17
C LEU A 395 -10.57 -24.69 -13.02
N GLU A 396 -9.99 -25.37 -14.01
CA GLU A 396 -8.57 -25.71 -13.99
C GLU A 396 -7.77 -25.16 -15.15
N GLN A 397 -8.41 -24.94 -16.29
CA GLN A 397 -7.73 -24.38 -17.46
C GLN A 397 -8.61 -23.56 -18.36
N THR A 398 -7.97 -22.68 -19.12
CA THR A 398 -8.67 -21.94 -20.16
C THR A 398 -9.03 -22.90 -21.29
N THR A 399 -9.92 -22.47 -22.17
CA THR A 399 -10.28 -23.27 -23.35
C THR A 399 -10.03 -22.48 -24.62
N GLU A 400 -9.95 -23.18 -25.75
CA GLU A 400 -9.78 -22.53 -27.05
C GLU A 400 -11.14 -22.18 -27.66
N PRO A 401 -11.28 -20.96 -28.22
CA PRO A 401 -12.53 -20.55 -28.90
C PRO A 401 -13.16 -21.66 -29.78
N ASN A 402 -14.46 -21.87 -29.61
CA ASN A 402 -15.23 -22.89 -30.37
C ASN A 402 -14.86 -24.35 -30.07
N LYS A 403 -14.33 -24.59 -28.87
CA LYS A 403 -13.93 -25.93 -28.42
C LYS A 403 -13.94 -25.92 -26.88
N PRO A 404 -15.13 -25.83 -26.29
CA PRO A 404 -15.29 -25.62 -24.86
C PRO A 404 -15.51 -26.92 -24.08
N ALA A 405 -15.49 -26.82 -22.76
CA ALA A 405 -15.78 -27.95 -21.90
C ALA A 405 -17.27 -28.28 -21.96
N ILE A 406 -17.57 -29.56 -22.17
CA ILE A 406 -18.93 -30.03 -22.17
C ILE A 406 -19.11 -31.04 -21.06
N ILE A 407 -19.89 -30.65 -20.07
CA ILE A 407 -20.38 -31.55 -19.06
C ILE A 407 -21.63 -32.22 -19.64
N SER A 408 -21.66 -33.54 -19.61
CA SER A 408 -22.77 -34.30 -20.20
C SER A 408 -22.95 -35.65 -19.52
#